data_4XCJ
#
_entry.id   4XCJ
#
_cell.length_a   41.840
_cell.length_b   46.650
_cell.length_c   59.620
_cell.angle_alpha   90.00
_cell.angle_beta   107.39
_cell.angle_gamma   90.00
#
_symmetry.space_group_name_H-M   'P 1 21 1'
#
loop_
_entity.id
_entity.type
_entity.pdbx_description
1 polymer 'Heat shock cognate 90 kDa protein'
2 non-polymer "ADENOSINE-5'-DIPHOSPHATE"
3 non-polymer 'MAGNESIUM ION'
4 water water
#
_entity_poly.entity_id   1
_entity_poly.type   'polypeptide(L)'
_entity_poly.pdbx_seq_one_letter_code
;MRGSHHHHHHGMASMTGGQQMGRDLYDDDDKDRWGSMAESQVERFTFQAEINQLMSLIINTFYSNKEVFLRELISNASDA
LDKIRYQSLTDASVLESKTELEIKIIPDKTAKTLTLIDSGIGMTKTDMVKNLGTIARSGTKNFMEQLQSGAADISMIGQF
GVGFYSAYLVADTVIVHSKNNDDEQYVWESSAGGEFTIALDHTEPLGRGTKIVLHMKEDQLDYLDETKIKNLVKKHSEFI
QYPISLLTIKEKEVDEETT
;
_entity_poly.pdbx_strand_id   A
#
# COMPACT_ATOMS: atom_id res chain seq x y z
N MET A 37 -5.10 29.42 -9.27
CA MET A 37 -5.14 28.88 -7.88
C MET A 37 -5.93 27.58 -7.78
N ALA A 38 -5.29 26.55 -7.24
CA ALA A 38 -5.94 25.28 -6.99
C ALA A 38 -6.50 25.29 -5.58
N GLU A 39 -7.69 24.70 -5.42
CA GLU A 39 -8.33 24.57 -4.12
C GLU A 39 -8.57 23.10 -3.83
N SER A 40 -8.39 22.71 -2.58
CA SER A 40 -8.61 21.32 -2.17
C SER A 40 -9.12 21.26 -0.75
N GLN A 41 -10.12 20.42 -0.52
CA GLN A 41 -10.59 20.11 0.83
CA GLN A 41 -10.56 20.13 0.84
C GLN A 41 -9.84 18.88 1.32
N VAL A 42 -9.20 18.99 2.48
CA VAL A 42 -8.46 17.88 3.05
C VAL A 42 -9.11 17.52 4.39
N GLU A 43 -9.38 16.23 4.61
CA GLU A 43 -9.88 15.80 5.90
C GLU A 43 -8.77 15.08 6.64
N ARG A 44 -8.56 15.43 7.90
CA ARG A 44 -7.51 14.83 8.70
C ARG A 44 -8.12 13.85 9.71
N PHE A 45 -7.50 12.69 9.84
CA PHE A 45 -7.97 11.65 10.75
C PHE A 45 -6.86 11.22 11.67
N THR A 46 -7.25 10.66 12.81
CA THR A 46 -6.29 10.12 13.76
C THR A 46 -6.32 8.59 13.68
N PHE A 47 -5.14 8.00 13.68
CA PHE A 47 -5.03 6.55 13.68
C PHE A 47 -5.59 5.99 14.98
N GLN A 48 -6.20 4.81 14.88
CA GLN A 48 -6.60 4.03 16.04
C GLN A 48 -5.37 3.85 16.95
N ALA A 49 -5.56 3.92 18.27
CA ALA A 49 -4.43 3.96 19.21
C ALA A 49 -3.39 2.85 19.03
N GLU A 50 -3.84 1.62 18.88
CA GLU A 50 -2.92 0.48 18.71
C GLU A 50 -2.20 0.53 17.37
N ILE A 51 -2.90 1.02 16.35
CA ILE A 51 -2.29 1.19 15.03
C ILE A 51 -1.20 2.24 15.11
N ASN A 52 -1.47 3.33 15.82
CA ASN A 52 -0.42 4.33 16.06
C ASN A 52 0.83 3.74 16.72
N GLN A 53 0.62 2.98 17.79
CA GLN A 53 1.71 2.29 18.49
C GLN A 53 2.52 1.40 17.55
N LEU A 54 1.83 0.61 16.73
CA LEU A 54 2.49 -0.28 15.77
C LEU A 54 3.35 0.48 14.78
N MET A 55 2.79 1.55 14.22
CA MET A 55 3.53 2.38 13.27
C MET A 55 4.79 2.94 13.93
N SER A 56 4.66 3.42 15.17
CA SER A 56 5.82 3.89 15.92
C SER A 56 6.88 2.80 16.09
N LEU A 57 6.43 1.58 16.39
CA LEU A 57 7.31 0.43 16.57
C LEU A 57 8.02 0.04 15.27
N ILE A 58 7.29 0.11 14.15
CA ILE A 58 7.83 -0.21 12.82
C ILE A 58 8.88 0.82 12.37
N ILE A 59 8.65 2.08 12.71
CA ILE A 59 9.51 3.19 12.28
C ILE A 59 10.73 3.38 13.19
N ASN A 60 10.54 3.19 14.50
CA ASN A 60 11.56 3.51 15.49
C ASN A 60 12.26 2.28 16.08
N THR A 61 12.41 1.24 15.25
CA THR A 61 13.12 0.02 15.64
C THR A 61 13.93 -0.47 14.44
N PHE A 62 15.14 -0.95 14.70
CA PHE A 62 15.96 -1.51 13.64
C PHE A 62 15.47 -2.91 13.29
N TYR A 63 15.28 -3.14 11.99
CA TYR A 63 14.96 -4.47 11.47
C TYR A 63 15.96 -4.81 10.37
N SER A 64 16.58 -5.98 10.50
CA SER A 64 17.65 -6.38 9.60
C SER A 64 17.15 -6.61 8.18
N ASN A 65 16.04 -7.34 8.06
CA ASN A 65 15.46 -7.67 6.77
C ASN A 65 14.07 -7.07 6.63
N LYS A 66 13.94 -6.16 5.67
CA LYS A 66 12.70 -5.41 5.48
C LYS A 66 11.95 -5.78 4.21
N GLU A 67 12.39 -6.87 3.55
CA GLU A 67 11.82 -7.34 2.28
C GLU A 67 10.32 -7.59 2.34
N VAL A 68 9.81 -7.88 3.54
CA VAL A 68 8.39 -8.13 3.71
C VAL A 68 7.50 -7.01 3.15
N PHE A 69 7.98 -5.77 3.16
CA PHE A 69 7.17 -4.65 2.66
C PHE A 69 6.67 -4.92 1.24
N LEU A 70 7.53 -5.53 0.43
CA LEU A 70 7.21 -5.75 -0.98
C LEU A 70 6.23 -6.92 -1.12
N ARG A 71 6.43 -7.95 -0.29
CA ARG A 71 5.52 -9.08 -0.29
C ARG A 71 4.11 -8.59 0.07
N GLU A 72 4.03 -7.69 1.04
CA GLU A 72 2.73 -7.15 1.46
C GLU A 72 2.05 -6.28 0.40
N LEU A 73 2.83 -5.45 -0.29
CA LEU A 73 2.32 -4.63 -1.40
C LEU A 73 1.69 -5.49 -2.49
N ILE A 74 2.45 -6.46 -2.95
CA ILE A 74 1.98 -7.36 -4.02
C ILE A 74 0.80 -8.20 -3.55
N SER A 75 0.87 -8.73 -2.33
CA SER A 75 -0.24 -9.49 -1.75
C SER A 75 -1.55 -8.68 -1.73
N ASN A 76 -1.48 -7.44 -1.29
CA ASN A 76 -2.65 -6.58 -1.23
C ASN A 76 -3.21 -6.29 -2.61
N ALA A 77 -2.31 -6.10 -3.58
CA ALA A 77 -2.71 -5.85 -4.95
C ALA A 77 -3.43 -7.07 -5.52
N SER A 78 -2.85 -8.25 -5.28
CA SER A 78 -3.45 -9.50 -5.76
C SER A 78 -4.84 -9.73 -5.13
N ASP A 79 -4.98 -9.47 -3.83
CA ASP A 79 -6.28 -9.58 -3.17
C ASP A 79 -7.32 -8.63 -3.79
N ALA A 80 -6.89 -7.40 -4.09
CA ALA A 80 -7.77 -6.40 -4.70
C ALA A 80 -8.22 -6.86 -6.09
N LEU A 81 -7.29 -7.46 -6.82
CA LEU A 81 -7.58 -7.97 -8.17
C LEU A 81 -8.51 -9.18 -8.11
N ASP A 82 -8.27 -10.08 -7.15
CA ASP A 82 -9.18 -11.22 -6.94
C ASP A 82 -10.60 -10.70 -6.68
N LYS A 83 -10.72 -9.70 -5.82
CA LYS A 83 -12.02 -9.17 -5.46
C LYS A 83 -12.82 -8.68 -6.66
N ILE A 84 -12.19 -7.87 -7.52
CA ILE A 84 -12.90 -7.39 -8.71
C ILE A 84 -13.15 -8.52 -9.72
N ARG A 85 -12.22 -9.47 -9.80
CA ARG A 85 -12.37 -10.60 -10.73
C ARG A 85 -13.59 -11.44 -10.35
N TYR A 86 -13.69 -11.80 -9.08
CA TYR A 86 -14.86 -12.56 -8.63
C TYR A 86 -16.15 -11.75 -8.71
N GLN A 87 -16.08 -10.44 -8.49
CA GLN A 87 -17.27 -9.61 -8.68
C GLN A 87 -17.74 -9.63 -10.13
N SER A 88 -16.78 -9.74 -11.05
CA SER A 88 -17.08 -9.76 -12.48
C SER A 88 -17.72 -11.07 -12.94
N LEU A 89 -17.54 -12.14 -12.16
CA LEU A 89 -18.16 -13.43 -12.48
C LEU A 89 -19.68 -13.35 -12.35
N THR A 90 -20.15 -12.56 -11.39
CA THR A 90 -21.58 -12.41 -11.12
C THR A 90 -22.14 -11.10 -11.69
N ASP A 91 -21.25 -10.17 -12.05
CA ASP A 91 -21.64 -8.87 -12.61
C ASP A 91 -20.55 -8.37 -13.56
N ALA A 92 -20.70 -8.70 -14.85
CA ALA A 92 -19.68 -8.40 -15.86
C ALA A 92 -19.37 -6.90 -16.05
N SER A 93 -20.35 -6.05 -15.76
CA SER A 93 -20.22 -4.60 -15.97
C SER A 93 -19.17 -3.93 -15.09
N VAL A 94 -18.78 -4.58 -14.01
CA VAL A 94 -17.86 -3.97 -13.03
C VAL A 94 -16.45 -3.71 -13.60
N LEU A 95 -16.13 -4.37 -14.71
CA LEU A 95 -14.83 -4.25 -15.37
C LEU A 95 -14.76 -3.14 -16.42
N GLU A 96 -15.90 -2.53 -16.74
CA GLU A 96 -15.95 -1.51 -17.79
C GLU A 96 -15.05 -0.29 -17.54
N SER A 97 -14.82 0.00 -16.26
CA SER A 97 -13.94 1.10 -15.84
C SER A 97 -12.46 0.91 -16.19
N LYS A 98 -12.07 -0.35 -16.37
CA LYS A 98 -10.69 -0.73 -16.71
C LYS A 98 -10.65 -2.23 -16.97
N THR A 99 -10.49 -2.63 -18.22
CA THR A 99 -10.65 -4.05 -18.59
C THR A 99 -9.51 -4.95 -18.10
N GLU A 100 -8.29 -4.44 -18.10
CA GLU A 100 -7.11 -5.23 -17.73
C GLU A 100 -6.97 -5.45 -16.22
N LEU A 101 -6.62 -6.67 -15.84
CA LEU A 101 -6.32 -6.97 -14.44
C LEU A 101 -4.83 -7.22 -14.33
N GLU A 102 -4.11 -6.23 -13.80
CA GLU A 102 -2.65 -6.26 -13.87
C GLU A 102 -2.04 -5.44 -12.75
N ILE A 103 -0.74 -5.64 -12.56
CA ILE A 103 0.05 -4.93 -11.58
C ILE A 103 1.24 -4.27 -12.28
N LYS A 104 1.48 -3.00 -11.96
CA LYS A 104 2.65 -2.30 -12.47
C LYS A 104 3.52 -1.86 -11.31
N ILE A 105 4.82 -2.10 -11.40
CA ILE A 105 5.74 -1.67 -10.35
C ILE A 105 6.77 -0.73 -10.95
N ILE A 106 6.89 0.45 -10.34
CA ILE A 106 7.74 1.52 -10.86
C ILE A 106 8.74 2.03 -9.82
N PRO A 107 9.98 1.52 -9.87
CA PRO A 107 11.01 2.17 -9.06
C PRO A 107 11.51 3.42 -9.79
N ASP A 108 11.59 4.53 -9.06
CA ASP A 108 11.97 5.82 -9.62
C ASP A 108 13.09 6.41 -8.76
N LYS A 109 14.33 6.15 -9.14
CA LYS A 109 15.46 6.54 -8.30
C LYS A 109 15.58 8.05 -8.09
N THR A 110 15.33 8.82 -9.15
CA THR A 110 15.39 10.29 -9.09
C THR A 110 14.35 10.86 -8.12
N ALA A 111 13.12 10.35 -8.20
CA ALA A 111 12.03 10.76 -7.32
C ALA A 111 12.15 10.18 -5.91
N LYS A 112 13.01 9.17 -5.77
CA LYS A 112 13.17 8.38 -4.54
C LYS A 112 11.84 7.73 -4.13
N THR A 113 11.14 7.20 -5.12
CA THR A 113 9.85 6.54 -4.86
C THR A 113 9.77 5.14 -5.47
N LEU A 114 8.99 4.29 -4.82
CA LEU A 114 8.57 3.03 -5.41
C LEU A 114 7.06 3.09 -5.51
N THR A 115 6.53 2.82 -6.69
CA THR A 115 5.10 2.90 -6.92
C THR A 115 4.57 1.54 -7.35
N LEU A 116 3.43 1.15 -6.80
CA LEU A 116 2.74 -0.07 -7.26
C LEU A 116 1.33 0.31 -7.64
N ILE A 117 0.96 -0.04 -8.87
CA ILE A 117 -0.36 0.27 -9.39
C ILE A 117 -1.07 -1.05 -9.66
N ASP A 118 -2.29 -1.19 -9.17
CA ASP A 118 -3.10 -2.36 -9.51
C ASP A 118 -4.45 -1.88 -10.03
N SER A 119 -5.05 -2.70 -10.90
CA SER A 119 -6.37 -2.41 -11.41
C SER A 119 -7.42 -3.27 -10.69
N GLY A 120 -7.24 -3.40 -9.38
CA GLY A 120 -8.16 -4.15 -8.54
C GLY A 120 -9.42 -3.38 -8.20
N ILE A 121 -10.07 -3.79 -7.12
CA ILE A 121 -11.37 -3.27 -6.75
C ILE A 121 -11.35 -1.75 -6.43
N GLY A 122 -10.23 -1.28 -5.88
CA GLY A 122 -10.13 0.09 -5.42
C GLY A 122 -10.88 0.30 -4.11
N MET A 123 -10.66 1.47 -3.52
CA MET A 123 -11.30 1.84 -2.26
C MET A 123 -12.06 3.14 -2.41
N THR A 124 -13.29 3.17 -1.90
CA THR A 124 -14.02 4.43 -1.73
C THR A 124 -13.37 5.24 -0.61
N LYS A 125 -13.76 6.50 -0.46
CA LYS A 125 -13.24 7.31 0.63
C LYS A 125 -13.50 6.62 1.97
N THR A 126 -14.73 6.16 2.19
CA THR A 126 -15.07 5.54 3.48
C THR A 126 -14.31 4.23 3.68
N ASP A 127 -14.10 3.49 2.59
CA ASP A 127 -13.22 2.31 2.62
C ASP A 127 -11.83 2.67 3.13
N MET A 128 -11.27 3.79 2.64
CA MET A 128 -9.93 4.22 3.05
C MET A 128 -9.90 4.60 4.53
N VAL A 129 -10.88 5.41 4.96
CA VAL A 129 -10.99 5.77 6.37
C VAL A 129 -11.03 4.53 7.27
N LYS A 130 -11.86 3.56 6.90
CA LYS A 130 -12.07 2.36 7.72
C LYS A 130 -10.89 1.40 7.68
N ASN A 131 -10.38 1.13 6.48
CA ASN A 131 -9.35 0.09 6.27
C ASN A 131 -7.92 0.56 6.45
N LEU A 132 -7.70 1.87 6.35
CA LEU A 132 -6.35 2.42 6.41
C LEU A 132 -6.11 3.28 7.65
N GLY A 133 -6.72 2.93 8.77
CA GLY A 133 -6.23 3.47 10.03
C GLY A 133 -7.14 3.78 11.20
N THR A 134 -8.44 3.97 10.96
CA THR A 134 -9.33 4.38 12.07
C THR A 134 -9.97 3.23 12.84
N ILE A 135 -10.14 2.09 12.17
CA ILE A 135 -10.77 0.93 12.80
C ILE A 135 -9.71 -0.01 13.36
N ALA A 136 -9.92 -0.44 14.61
CA ALA A 136 -9.03 -1.39 15.26
C ALA A 136 -9.01 -2.72 14.52
N ARG A 137 -7.85 -3.35 14.48
CA ARG A 137 -7.72 -4.72 13.98
C ARG A 137 -7.37 -5.57 15.18
N SER A 138 -7.99 -6.74 15.31
CA SER A 138 -7.76 -7.58 16.50
C SER A 138 -6.34 -8.14 16.59
N GLY A 139 -5.63 -8.21 15.47
CA GLY A 139 -4.26 -8.72 15.46
C GLY A 139 -3.20 -7.76 15.96
N THR A 140 -3.52 -6.45 16.00
CA THR A 140 -2.51 -5.42 16.25
C THR A 140 -1.75 -5.59 17.58
N LYS A 141 -2.47 -5.63 18.69
CA LYS A 141 -1.86 -5.78 20.00
C LYS A 141 -1.05 -7.07 20.10
N ASN A 142 -1.64 -8.18 19.65
CA ASN A 142 -0.98 -9.48 19.71
C ASN A 142 0.31 -9.53 18.89
N PHE A 143 0.29 -8.89 17.72
CA PHE A 143 1.51 -8.79 16.92
C PHE A 143 2.63 -8.04 17.65
N MET A 144 2.28 -6.92 18.26
CA MET A 144 3.26 -6.11 18.96
C MET A 144 3.87 -6.88 20.13
N GLU A 145 3.01 -7.61 20.85
CA GLU A 145 3.44 -8.42 21.98
C GLU A 145 4.36 -9.55 21.53
N GLN A 146 4.03 -10.18 20.40
CA GLN A 146 4.86 -11.24 19.84
C GLN A 146 6.19 -10.71 19.30
N LEU A 147 6.19 -9.49 18.76
CA LEU A 147 7.44 -8.86 18.32
C LEU A 147 8.36 -8.58 19.50
N GLN A 148 7.78 -8.09 20.59
CA GLN A 148 8.55 -7.79 21.80
C GLN A 148 9.09 -9.06 22.45
N SER A 149 8.32 -10.13 22.40
CA SER A 149 8.69 -11.39 23.06
C SER A 149 9.67 -12.22 22.24
N GLY A 150 9.66 -12.02 20.92
CA GLY A 150 10.43 -12.86 19.99
C GLY A 150 9.64 -14.00 19.36
N ALA A 151 8.37 -14.14 19.75
CA ALA A 151 7.48 -15.17 19.20
C ALA A 151 7.24 -14.96 17.70
N ALA A 152 7.27 -13.70 17.29
CA ALA A 152 7.12 -13.35 15.88
C ALA A 152 8.21 -12.39 15.44
N ASP A 153 8.56 -12.43 14.16
CA ASP A 153 9.41 -11.40 13.59
C ASP A 153 8.60 -10.54 12.62
N ILE A 154 9.21 -9.46 12.16
CA ILE A 154 8.55 -8.50 11.28
C ILE A 154 8.03 -9.12 9.98
N SER A 155 8.66 -10.19 9.52
CA SER A 155 8.26 -10.86 8.28
C SER A 155 6.87 -11.51 8.35
N MET A 156 6.34 -11.64 9.57
CA MET A 156 5.06 -12.31 9.82
C MET A 156 3.89 -11.32 9.94
N ILE A 157 4.19 -10.04 9.74
CA ILE A 157 3.20 -8.99 9.93
C ILE A 157 1.88 -9.24 9.18
N GLY A 158 1.96 -9.81 7.98
CA GLY A 158 0.77 -10.07 7.15
C GLY A 158 -0.22 -11.04 7.78
N GLN A 159 0.30 -12.01 8.52
CA GLN A 159 -0.54 -12.97 9.24
C GLN A 159 -1.42 -12.33 10.31
N PHE A 160 -1.06 -11.14 10.75
CA PHE A 160 -1.76 -10.47 11.85
C PHE A 160 -2.74 -9.40 11.38
N GLY A 161 -2.96 -9.34 10.06
CA GLY A 161 -3.96 -8.45 9.47
C GLY A 161 -3.55 -6.98 9.44
N VAL A 162 -2.25 -6.72 9.54
CA VAL A 162 -1.72 -5.35 9.58
C VAL A 162 -0.55 -5.17 8.59
N GLY A 163 -0.53 -6.01 7.56
CA GLY A 163 0.49 -5.99 6.51
C GLY A 163 0.73 -4.65 5.82
N PHE A 164 -0.33 -3.87 5.66
CA PHE A 164 -0.20 -2.56 5.00
C PHE A 164 0.89 -1.68 5.61
N TYR A 165 0.99 -1.71 6.94
CA TYR A 165 1.86 -0.80 7.68
C TYR A 165 3.34 -1.13 7.53
N SER A 166 3.62 -2.31 6.98
CA SER A 166 5.00 -2.70 6.66
C SER A 166 5.66 -1.72 5.69
N ALA A 167 4.85 -0.94 4.96
CA ALA A 167 5.40 0.08 4.08
C ALA A 167 6.32 1.05 4.82
N TYR A 168 6.02 1.30 6.10
CA TYR A 168 6.82 2.24 6.91
C TYR A 168 8.17 1.69 7.37
N LEU A 169 8.47 0.43 7.04
CA LEU A 169 9.81 -0.10 7.22
C LEU A 169 10.80 0.60 6.30
N VAL A 170 10.33 0.96 5.10
CA VAL A 170 11.20 1.51 4.07
C VAL A 170 10.84 2.90 3.60
N ALA A 171 9.67 3.39 4.00
CA ALA A 171 9.16 4.68 3.55
C ALA A 171 8.85 5.64 4.69
N ASP A 172 9.19 6.91 4.49
CA ASP A 172 8.88 7.99 5.41
C ASP A 172 7.43 8.47 5.25
N THR A 173 6.95 8.45 4.01
CA THR A 173 5.60 8.89 3.66
C THR A 173 5.01 7.87 2.71
N VAL A 174 3.75 7.52 2.94
CA VAL A 174 3.02 6.64 2.02
C VAL A 174 1.82 7.39 1.49
N ILE A 175 1.65 7.32 0.17
CA ILE A 175 0.51 7.95 -0.49
C ILE A 175 -0.30 6.86 -1.20
N VAL A 176 -1.60 6.82 -0.94
CA VAL A 176 -2.45 5.82 -1.58
C VAL A 176 -3.53 6.52 -2.41
N HIS A 177 -3.45 6.40 -3.72
CA HIS A 177 -4.49 6.91 -4.61
C HIS A 177 -5.40 5.72 -4.89
N SER A 178 -6.71 5.92 -4.85
CA SER A 178 -7.61 4.80 -5.13
C SER A 178 -8.90 5.25 -5.82
N LYS A 179 -9.37 4.38 -6.70
CA LYS A 179 -10.61 4.60 -7.43
C LYS A 179 -11.42 3.31 -7.42
N ASN A 180 -12.55 3.37 -6.73
CA ASN A 180 -13.53 2.29 -6.70
C ASN A 180 -14.68 2.70 -7.62
N ASN A 181 -15.35 1.73 -8.24
CA ASN A 181 -16.48 2.05 -9.12
C ASN A 181 -17.58 2.90 -8.47
N ASP A 182 -17.71 2.78 -7.16
CA ASP A 182 -18.77 3.45 -6.40
C ASP A 182 -18.47 4.89 -5.97
N ASP A 183 -17.24 5.36 -6.17
CA ASP A 183 -16.85 6.68 -5.66
C ASP A 183 -15.91 7.40 -6.63
N GLU A 184 -15.60 8.66 -6.34
CA GLU A 184 -14.57 9.38 -7.08
C GLU A 184 -13.18 8.94 -6.59
N GLN A 185 -12.15 9.34 -7.32
CA GLN A 185 -10.79 9.01 -6.93
C GLN A 185 -10.35 9.86 -5.75
N TYR A 186 -9.79 9.18 -4.73
CA TYR A 186 -9.32 9.84 -3.52
C TYR A 186 -7.86 9.53 -3.27
N VAL A 187 -7.22 10.39 -2.47
CA VAL A 187 -5.83 10.16 -2.11
C VAL A 187 -5.66 10.24 -0.59
N TRP A 188 -5.06 9.18 -0.04
CA TRP A 188 -4.77 9.04 1.39
C TRP A 188 -3.29 9.30 1.55
N GLU A 189 -2.91 10.06 2.57
CA GLU A 189 -1.50 10.31 2.80
C GLU A 189 -1.16 10.28 4.28
N SER A 190 -0.04 9.62 4.62
CA SER A 190 0.48 9.70 5.98
C SER A 190 1.99 9.56 6.09
N SER A 191 2.57 10.38 6.96
CA SER A 191 3.98 10.27 7.33
CA SER A 191 3.98 10.27 7.33
C SER A 191 4.06 9.81 8.78
N ALA A 192 3.05 9.04 9.20
CA ALA A 192 2.86 8.57 10.57
C ALA A 192 2.60 9.77 11.49
N GLY A 193 3.25 9.81 12.65
CA GLY A 193 3.01 10.91 13.60
C GLY A 193 1.56 10.97 14.06
N GLY A 194 0.85 9.86 13.94
CA GLY A 194 -0.49 9.70 14.51
C GLY A 194 -1.66 10.15 13.68
N GLU A 195 -1.39 10.66 12.48
CA GLU A 195 -2.43 11.23 11.63
C GLU A 195 -2.30 10.83 10.17
N PHE A 196 -3.42 10.87 9.47
CA PHE A 196 -3.44 10.75 8.02
C PHE A 196 -4.46 11.70 7.42
N THR A 197 -4.32 12.00 6.13
CA THR A 197 -5.28 12.86 5.46
C THR A 197 -5.88 12.15 4.26
N ILE A 198 -7.08 12.58 3.87
CA ILE A 198 -7.73 12.11 2.66
C ILE A 198 -8.32 13.29 1.93
N ALA A 199 -8.11 13.33 0.62
CA ALA A 199 -8.64 14.39 -0.21
C ALA A 199 -9.04 13.83 -1.58
N LEU A 200 -9.97 14.51 -2.24
CA LEU A 200 -10.27 14.20 -3.64
C LEU A 200 -8.98 14.31 -4.44
N ASP A 201 -8.79 13.38 -5.36
CA ASP A 201 -7.55 13.26 -6.11
C ASP A 201 -7.76 13.75 -7.53
N HIS A 202 -7.05 14.81 -7.91
CA HIS A 202 -7.18 15.31 -9.27
C HIS A 202 -5.96 15.01 -10.15
N THR A 203 -5.10 14.13 -9.65
CA THR A 203 -3.97 13.63 -10.43
C THR A 203 -4.46 12.59 -11.45
N GLU A 204 -3.53 11.95 -12.17
CA GLU A 204 -3.88 11.01 -13.23
C GLU A 204 -4.98 10.02 -12.82
N PRO A 205 -6.10 9.99 -13.58
CA PRO A 205 -7.18 9.06 -13.31
C PRO A 205 -6.72 7.61 -13.45
N LEU A 206 -7.08 6.79 -12.47
CA LEU A 206 -6.73 5.39 -12.44
C LEU A 206 -7.67 4.52 -13.27
N GLY A 207 -8.89 5.02 -13.49
CA GLY A 207 -9.96 4.25 -14.11
C GLY A 207 -10.61 3.39 -13.03
N ARG A 208 -9.81 2.47 -12.50
CA ARG A 208 -10.19 1.67 -11.33
C ARG A 208 -8.92 1.08 -10.73
N GLY A 209 -8.86 1.04 -9.40
CA GLY A 209 -7.77 0.39 -8.71
C GLY A 209 -7.05 1.28 -7.75
N THR A 210 -5.81 0.91 -7.44
CA THR A 210 -5.05 1.62 -6.42
C THR A 210 -3.62 1.83 -6.89
N LYS A 211 -3.10 3.02 -6.57
CA LYS A 211 -1.71 3.36 -6.84
C LYS A 211 -1.09 3.76 -5.50
N ILE A 212 -0.14 2.94 -5.03
CA ILE A 212 0.52 3.23 -3.77
C ILE A 212 1.92 3.75 -4.04
N VAL A 213 2.24 4.90 -3.47
CA VAL A 213 3.54 5.53 -3.66
C VAL A 213 4.29 5.56 -2.34
N LEU A 214 5.44 4.88 -2.32
CA LEU A 214 6.30 4.89 -1.16
C LEU A 214 7.43 5.89 -1.37
N HIS A 215 7.49 6.91 -0.51
CA HIS A 215 8.60 7.85 -0.53
C HIS A 215 9.69 7.29 0.37
N MET A 216 10.73 6.77 -0.26
CA MET A 216 11.71 5.92 0.40
C MET A 216 12.64 6.68 1.35
N LYS A 217 12.93 6.06 2.49
CA LYS A 217 13.90 6.56 3.45
C LYS A 217 15.28 6.52 2.82
N GLU A 218 16.12 7.50 3.16
CA GLU A 218 17.46 7.57 2.59
C GLU A 218 18.26 6.27 2.77
N ASP A 219 18.15 5.61 3.91
CA ASP A 219 18.89 4.36 4.12
C ASP A 219 18.32 3.12 3.43
N GLN A 220 17.19 3.27 2.72
CA GLN A 220 16.53 2.14 2.07
C GLN A 220 16.41 2.30 0.55
N LEU A 221 17.18 3.25 0.01
CA LEU A 221 17.15 3.54 -1.42
C LEU A 221 17.67 2.40 -2.28
N ASP A 222 18.42 1.48 -1.67
CA ASP A 222 18.89 0.24 -2.32
C ASP A 222 17.76 -0.57 -2.95
N TYR A 223 16.56 -0.49 -2.37
CA TYR A 223 15.40 -1.19 -2.89
C TYR A 223 14.92 -0.64 -4.25
N LEU A 224 15.51 0.46 -4.69
CA LEU A 224 15.17 1.01 -6.00
C LEU A 224 16.16 0.60 -7.10
N ASP A 225 17.24 -0.09 -6.71
CA ASP A 225 18.22 -0.60 -7.68
C ASP A 225 17.57 -1.63 -8.58
N GLU A 226 17.80 -1.49 -9.88
CA GLU A 226 17.08 -2.27 -10.90
C GLU A 226 17.12 -3.78 -10.65
N THR A 227 18.32 -4.33 -10.49
CA THR A 227 18.42 -5.79 -10.36
C THR A 227 17.89 -6.28 -9.02
N LYS A 228 18.10 -5.50 -7.96
CA LYS A 228 17.61 -5.82 -6.64
C LYS A 228 16.09 -5.91 -6.62
N ILE A 229 15.42 -4.88 -7.13
CA ILE A 229 13.95 -4.88 -7.13
C ILE A 229 13.37 -5.92 -8.10
N LYS A 230 14.01 -6.10 -9.26
CA LYS A 230 13.62 -7.14 -10.19
C LYS A 230 13.60 -8.49 -9.49
N ASN A 231 14.70 -8.80 -8.81
CA ASN A 231 14.85 -10.06 -8.08
C ASN A 231 13.79 -10.26 -7.01
N LEU A 232 13.56 -9.20 -6.23
CA LEU A 232 12.62 -9.27 -5.11
C LEU A 232 11.21 -9.46 -5.60
N VAL A 233 10.87 -8.80 -6.71
CA VAL A 233 9.55 -8.95 -7.32
C VAL A 233 9.34 -10.40 -7.78
N LYS A 234 10.30 -10.94 -8.52
CA LYS A 234 10.24 -12.36 -8.95
C LYS A 234 10.08 -13.32 -7.77
N LYS A 235 10.84 -13.05 -6.71
CA LYS A 235 10.81 -13.86 -5.50
C LYS A 235 9.47 -13.81 -4.77
N HIS A 236 8.83 -12.65 -4.76
CA HIS A 236 7.61 -12.45 -3.99
C HIS A 236 6.34 -12.46 -4.84
N SER A 237 6.44 -13.03 -6.05
CA SER A 237 5.30 -13.09 -6.96
C SER A 237 5.12 -14.47 -7.62
N GLU A 238 5.72 -15.50 -7.03
CA GLU A 238 5.69 -16.85 -7.60
C GLU A 238 4.27 -17.40 -7.79
N PHE A 239 3.39 -17.09 -6.85
CA PHE A 239 2.03 -17.62 -6.87
C PHE A 239 0.99 -16.60 -7.32
N ILE A 240 1.46 -15.44 -7.80
CA ILE A 240 0.56 -14.37 -8.21
C ILE A 240 0.05 -14.60 -9.64
N GLN A 241 -1.27 -14.63 -9.78
CA GLN A 241 -1.94 -15.05 -11.01
C GLN A 241 -2.34 -13.89 -11.92
N TYR A 242 -1.67 -12.75 -11.76
CA TYR A 242 -1.90 -11.58 -12.59
C TYR A 242 -0.58 -11.11 -13.18
N PRO A 243 -0.61 -10.56 -14.40
CA PRO A 243 0.64 -10.08 -14.99
C PRO A 243 1.24 -8.91 -14.20
N ILE A 244 2.57 -8.89 -14.14
CA ILE A 244 3.31 -7.83 -13.46
C ILE A 244 4.22 -7.20 -14.49
N SER A 245 4.16 -5.86 -14.55
CA SER A 245 5.02 -5.07 -15.42
C SER A 245 5.97 -4.30 -14.49
N LEU A 246 7.26 -4.48 -14.67
CA LEU A 246 8.25 -3.73 -13.91
C LEU A 246 8.83 -2.64 -14.81
N LEU A 247 8.60 -1.39 -14.45
CA LEU A 247 9.00 -0.26 -15.29
C LEU A 247 10.07 0.54 -14.58
N THR A 248 11.30 0.46 -15.09
CA THR A 248 12.42 1.21 -14.54
C THR A 248 12.53 2.57 -15.22
N ILE A 249 12.32 3.63 -14.44
CA ILE A 249 12.35 5.00 -14.94
C ILE A 249 13.72 5.65 -14.74
N LYS A 250 14.32 6.14 -15.83
CA LYS A 250 15.55 6.94 -15.74
C LYS A 250 15.36 8.37 -16.26
N GLU A 251 16.09 9.31 -15.64
CA GLU A 251 16.12 10.70 -16.08
C GLU A 251 17.54 11.08 -16.50
#